data_3CZU
#
_entry.id   3CZU
#
_cell.length_a   99.431
_cell.length_b   99.431
_cell.length_c   204.879
_cell.angle_alpha   90.00
_cell.angle_beta   90.00
_cell.angle_gamma   120.00
#
_symmetry.space_group_name_H-M   'P 65 2 2'
#
loop_
_entity.id
_entity.type
_entity.pdbx_description
1 polymer 'Ephrin type-A receptor 2'
2 polymer Ephrin-A1
3 branched alpha-D-mannopyranose-(1-4)-2-acetamido-2-deoxy-beta-D-glucopyranose-(1-4)-2-acetamido-2-deoxy-beta-D-glucopyranose
4 water water
#
loop_
_entity_poly.entity_id
_entity_poly.type
_entity_poly.pdbx_seq_one_letter_code
_entity_poly.pdbx_strand_id
1 'polypeptide(L)'
;AAPEHHHHHHDYDIPTTENLYFQGAMDAAQGKEVVLLDFAAAGGELGWLTHPYGKGWDLMQNIMNDMPIYMYSVCNVMSG
DQDNWLRTNWVYRGEAERIFIELKFTVRDCNSFPGGASSCKETFNLYYAESDLDYGTNFQKRLFTKIDTIAPDEITVSSD
FEARHVKLNVEERSVGPLTRKGFYLAFQDIGACVALLSVRVYYKKCP
;
A
2 'polypeptide(L)'
;AAPEHHHHHHDYDIPTTENLYFQGAMDAADRHTVFWNSSNPKFRNEDYTIHVQLNDYVDIICPHYEDHSVADAAMEQYIL
YLVEHEEYQLCQPQSKDQVRWQCNRPSAKHGPEKLSEKFQRFTPFTLGKEFKEGHSYYYISKPIHQHEDRCLRLKVTVSG
KITHSPQAHVNPQEKRLAADDP
;
B
#
loop_
_chem_comp.id
_chem_comp.type
_chem_comp.name
_chem_comp.formula
MAN D-saccharide, alpha linking alpha-D-mannopyranose 'C6 H12 O6'
NAG D-saccharide, beta linking 2-acetamido-2-deoxy-beta-D-glucopyranose 'C8 H15 N O6'
#
# COMPACT_ATOMS: atom_id res chain seq x y z
N LYS A 32 18.96 14.15 -21.61
CA LYS A 32 17.53 13.99 -21.20
C LYS A 32 17.31 12.60 -20.61
N GLU A 33 16.36 12.49 -19.68
CA GLU A 33 16.14 11.24 -18.95
C GLU A 33 15.04 10.40 -19.61
N VAL A 34 15.38 9.15 -19.89
CA VAL A 34 14.41 8.17 -20.39
C VAL A 34 14.02 7.28 -19.23
N VAL A 35 12.73 7.25 -18.90
CA VAL A 35 12.21 6.50 -17.76
C VAL A 35 11.93 5.04 -18.12
N LEU A 36 12.44 4.11 -17.30
CA LEU A 36 12.25 2.67 -17.50
C LEU A 36 11.27 2.05 -16.50
N LEU A 37 11.14 2.67 -15.34
CA LEU A 37 10.26 2.19 -14.29
C LEU A 37 9.82 3.38 -13.45
N ASP A 38 8.51 3.46 -13.22
CA ASP A 38 7.93 4.50 -12.36
C ASP A 38 6.72 3.95 -11.61
N PHE A 39 6.98 3.47 -10.39
CA PHE A 39 5.95 2.87 -9.54
C PHE A 39 4.75 3.80 -9.27
N ALA A 40 5.04 5.02 -8.80
CA ALA A 40 3.99 5.96 -8.40
C ALA A 40 3.06 6.31 -9.56
N ALA A 41 3.56 6.19 -10.79
CA ALA A 41 2.78 6.56 -11.97
C ALA A 41 1.81 5.44 -12.39
N ALA A 42 2.06 4.23 -11.88
CA ALA A 42 1.34 3.05 -12.34
C ALA A 42 -0.02 2.84 -11.67
N GLY A 43 -0.37 3.69 -10.72
CA GLY A 43 -1.70 3.63 -10.11
C GLY A 43 -2.00 2.29 -9.48
N GLY A 44 -0.97 1.63 -8.93
CA GLY A 44 -1.13 0.41 -8.17
C GLY A 44 -1.42 -0.84 -8.97
N GLU A 45 -1.16 -0.78 -10.27
CA GLU A 45 -1.40 -1.90 -11.18
C GLU A 45 -0.20 -2.83 -11.39
N LEU A 46 0.91 -2.60 -10.68
CA LEU A 46 2.17 -3.27 -11.00
C LEU A 46 2.35 -4.70 -10.53
N GLY A 47 1.82 -5.04 -9.37
CA GLY A 47 1.82 -6.42 -8.89
C GLY A 47 3.19 -7.05 -8.75
N TRP A 48 4.07 -6.40 -8.02
CA TRP A 48 5.40 -6.92 -7.76
C TRP A 48 5.42 -8.20 -6.93
N LEU A 49 6.39 -9.07 -7.19
CA LEU A 49 6.50 -10.32 -6.46
C LEU A 49 7.06 -10.06 -5.07
N THR A 50 6.45 -10.68 -4.06
CA THR A 50 6.98 -10.64 -2.71
C THR A 50 7.38 -12.03 -2.27
N HIS A 51 8.31 -12.08 -1.32
CA HIS A 51 8.89 -13.32 -0.81
C HIS A 51 9.37 -13.09 0.62
N PRO A 52 9.07 -14.02 1.54
CA PRO A 52 8.36 -15.26 1.27
C PRO A 52 6.89 -15.00 0.98
N TYR A 53 6.23 -15.98 0.37
CA TYR A 53 4.87 -15.85 -0.13
C TYR A 53 3.90 -15.33 0.94
N GLY A 54 3.37 -14.13 0.70
CA GLY A 54 2.37 -13.48 1.54
C GLY A 54 2.75 -13.20 2.98
N LYS A 55 4.02 -12.86 3.23
CA LYS A 55 4.51 -12.63 4.60
C LYS A 55 5.17 -11.27 4.83
N GLY A 56 5.93 -10.78 3.85
CA GLY A 56 6.71 -9.57 4.08
C GLY A 56 6.01 -8.28 3.69
N TRP A 57 6.44 -7.71 2.57
CA TRP A 57 5.86 -6.48 2.04
C TRP A 57 4.40 -6.67 1.56
N ASP A 58 3.59 -5.64 1.77
CA ASP A 58 2.21 -5.63 1.33
C ASP A 58 1.94 -4.36 0.52
N LEU A 59 1.05 -4.45 -0.45
CA LEU A 59 0.62 -3.25 -1.16
C LEU A 59 -0.49 -2.55 -0.36
N MET A 60 -0.18 -1.35 0.14
CA MET A 60 -1.10 -0.55 0.95
C MET A 60 -1.65 0.59 0.11
N GLN A 61 -2.83 1.09 0.46
CA GLN A 61 -3.38 2.24 -0.27
C GLN A 61 -3.89 3.35 0.64
N ASN A 62 -3.70 4.58 0.17
CA ASN A 62 -3.94 5.75 0.99
C ASN A 62 -4.21 7.02 0.20
N ILE A 63 -4.66 8.03 0.92
CA ILE A 63 -4.90 9.33 0.35
C ILE A 63 -3.80 10.27 0.86
N MET A 64 -3.07 10.87 -0.08
CA MET A 64 -2.12 11.94 0.24
C MET A 64 -2.33 13.10 -0.73
N ASN A 65 -2.28 14.34 -0.22
CA ASN A 65 -2.59 15.54 -1.01
C ASN A 65 -3.89 15.38 -1.80
N ASP A 66 -4.90 14.81 -1.16
CA ASP A 66 -6.21 14.57 -1.78
C ASP A 66 -6.14 13.67 -3.04
N MET A 67 -5.06 12.91 -3.17
CA MET A 67 -4.85 12.01 -4.33
C MET A 67 -4.75 10.57 -3.83
N PRO A 68 -5.29 9.61 -4.62
CA PRO A 68 -5.14 8.20 -4.24
C PRO A 68 -3.74 7.70 -4.57
N ILE A 69 -3.03 7.16 -3.58
CA ILE A 69 -1.67 6.66 -3.81
C ILE A 69 -1.50 5.22 -3.34
N TYR A 70 -0.50 4.53 -3.88
CA TYR A 70 -0.15 3.18 -3.43
C TYR A 70 1.26 3.17 -2.84
N MET A 71 1.56 2.14 -2.05
CA MET A 71 2.89 1.95 -1.48
C MET A 71 3.09 0.50 -1.08
N TYR A 72 4.32 0.03 -1.17
CA TYR A 72 4.68 -1.24 -0.54
C TYR A 72 5.23 -0.94 0.84
N SER A 73 4.65 -1.57 1.86
CA SER A 73 5.14 -1.32 3.21
C SER A 73 5.31 -2.61 4.04
N VAL A 74 6.19 -2.54 5.03
CA VAL A 74 6.45 -3.68 5.91
C VAL A 74 6.82 -3.14 7.27
N CYS A 75 6.31 -3.77 8.31
CA CYS A 75 6.58 -3.30 9.65
C CYS A 75 6.63 -4.45 10.64
N ASN A 76 7.47 -5.45 10.37
CA ASN A 76 7.64 -6.57 11.28
C ASN A 76 8.68 -6.36 12.36
N VAL A 77 8.45 -5.37 13.22
CA VAL A 77 9.46 -4.95 14.19
C VAL A 77 9.48 -5.78 15.48
N MET A 78 8.47 -6.63 15.68
CA MET A 78 8.37 -7.40 16.92
C MET A 78 8.82 -8.86 16.78
N SER A 79 9.14 -9.29 15.56
CA SER A 79 9.19 -10.73 15.25
C SER A 79 10.58 -11.32 15.06
N GLY A 80 11.60 -10.58 15.48
CA GLY A 80 12.99 -11.02 15.33
C GLY A 80 13.50 -11.00 13.90
N ASP A 81 14.32 -12.01 13.58
CA ASP A 81 15.02 -12.13 12.29
C ASP A 81 14.08 -12.09 11.07
N GLN A 82 14.07 -10.97 10.37
CA GLN A 82 13.24 -10.76 9.19
C GLN A 82 14.04 -10.81 7.89
N ASP A 83 13.45 -11.36 6.84
CA ASP A 83 14.13 -11.45 5.55
C ASP A 83 13.15 -11.35 4.37
N ASN A 84 12.62 -10.15 4.16
CA ASN A 84 11.48 -9.93 3.26
C ASN A 84 11.86 -9.24 1.95
N TRP A 85 11.52 -9.87 0.83
CA TRP A 85 11.95 -9.37 -0.49
C TRP A 85 10.78 -8.89 -1.33
N LEU A 86 10.96 -7.71 -1.92
CA LEU A 86 10.04 -7.16 -2.90
C LEU A 86 10.84 -7.04 -4.19
N ARG A 87 10.42 -7.74 -5.23
CA ARG A 87 11.11 -7.72 -6.51
C ARG A 87 10.28 -7.01 -7.57
N THR A 88 10.88 -6.08 -8.30
CA THR A 88 10.14 -5.40 -9.35
C THR A 88 9.93 -6.37 -10.51
N ASN A 89 9.03 -6.01 -11.42
N ASN A 89 9.05 -5.96 -11.41
CA ASN A 89 8.89 -6.78 -12.64
CA ASN A 89 8.92 -6.54 -12.72
C ASN A 89 10.14 -6.54 -13.49
C ASN A 89 10.27 -6.58 -13.43
N TRP A 90 10.39 -7.42 -14.44
CA TRP A 90 11.59 -7.37 -15.30
C TRP A 90 11.59 -6.10 -16.13
N VAL A 91 12.73 -5.42 -16.16
CA VAL A 91 12.82 -4.16 -16.88
C VAL A 91 13.71 -4.37 -18.08
N TYR A 92 13.11 -4.22 -19.27
CA TYR A 92 13.84 -4.30 -20.51
C TYR A 92 14.88 -3.17 -20.56
N ARG A 93 16.14 -3.55 -20.74
CA ARG A 93 17.26 -2.60 -20.69
C ARG A 93 17.34 -1.66 -21.90
N GLY A 94 17.16 -2.21 -23.10
CA GLY A 94 17.31 -1.44 -24.33
C GLY A 94 18.73 -0.95 -24.49
N GLU A 95 18.89 0.36 -24.67
CA GLU A 95 20.22 0.94 -24.88
C GLU A 95 20.86 1.47 -23.59
N ALA A 96 20.24 1.18 -22.44
CA ALA A 96 20.71 1.69 -21.16
C ALA A 96 22.00 1.01 -20.71
N GLU A 97 22.98 1.81 -20.30
CA GLU A 97 24.22 1.29 -19.75
C GLU A 97 24.34 1.53 -18.25
N ARG A 98 24.21 2.79 -17.83
CA ARG A 98 24.11 3.11 -16.42
C ARG A 98 22.68 3.55 -16.11
N ILE A 99 22.05 2.87 -15.15
CA ILE A 99 20.72 3.25 -14.72
C ILE A 99 20.79 4.01 -13.40
N PHE A 100 19.87 4.94 -13.20
CA PHE A 100 19.77 5.69 -11.97
C PHE A 100 18.46 5.32 -11.28
N ILE A 101 18.56 4.98 -10.01
CA ILE A 101 17.42 4.51 -9.24
C ILE A 101 17.05 5.52 -8.16
N GLU A 102 15.84 6.07 -8.29
CA GLU A 102 15.33 7.06 -7.34
C GLU A 102 14.27 6.43 -6.44
N LEU A 103 14.59 6.35 -5.15
CA LEU A 103 13.66 5.82 -4.14
C LEU A 103 13.11 6.94 -3.28
N LYS A 104 11.79 6.96 -3.06
CA LYS A 104 11.19 7.78 -2.01
C LYS A 104 10.47 6.89 -1.02
N PHE A 105 10.66 7.16 0.27
CA PHE A 105 10.18 6.25 1.32
C PHE A 105 10.11 6.93 2.69
N THR A 106 9.34 6.33 3.60
CA THR A 106 9.39 6.71 5.03
C THR A 106 9.95 5.57 5.88
N VAL A 107 10.53 5.91 7.03
CA VAL A 107 11.05 4.93 7.98
C VAL A 107 10.62 5.36 9.38
N ARG A 108 10.12 4.42 10.15
CA ARG A 108 9.65 4.73 11.51
C ARG A 108 10.71 4.57 12.61
N ASP A 109 10.69 5.54 13.53
CA ASP A 109 11.53 5.60 14.73
C ASP A 109 11.40 4.30 15.51
N CYS A 110 12.50 3.55 15.60
CA CYS A 110 12.52 2.35 16.43
C CYS A 110 12.13 2.59 17.90
N ASN A 111 12.36 3.81 18.39
CA ASN A 111 11.95 4.21 19.74
C ASN A 111 10.44 4.34 19.96
N SER A 112 9.67 4.41 18.87
CA SER A 112 8.25 4.71 18.97
C SER A 112 7.36 3.47 19.08
N PHE A 113 7.97 2.32 19.36
CA PHE A 113 7.21 1.09 19.52
C PHE A 113 7.02 0.70 20.97
N PRO A 114 5.76 0.76 21.47
CA PRO A 114 5.40 0.34 22.82
C PRO A 114 6.24 -0.84 23.31
N GLY A 115 6.28 -1.91 22.53
CA GLY A 115 7.21 -3.01 22.80
C GLY A 115 8.60 -2.63 22.34
N GLY A 116 8.84 -2.79 21.04
CA GLY A 116 10.11 -2.46 20.40
C GLY A 116 11.25 -3.37 20.83
N ALA A 117 11.33 -4.56 20.21
CA ALA A 117 12.45 -5.46 20.45
C ALA A 117 13.73 -4.86 19.85
N SER A 118 14.88 -5.26 20.39
CA SER A 118 16.18 -4.82 19.85
C SER A 118 16.45 -5.46 18.47
N SER A 119 15.37 -5.91 17.84
CA SER A 119 15.38 -6.45 16.48
C SER A 119 14.81 -5.43 15.49
N CYS A 120 14.60 -4.21 15.97
CA CYS A 120 14.12 -3.12 15.12
C CYS A 120 15.28 -2.48 14.36
N LYS A 121 15.06 -2.26 13.08
CA LYS A 121 16.07 -1.66 12.21
C LYS A 121 15.53 -0.39 11.56
N GLU A 122 16.43 0.48 11.12
CA GLU A 122 16.02 1.72 10.47
C GLU A 122 16.59 1.86 9.06
N THR A 123 17.02 0.74 8.51
CA THR A 123 17.48 0.68 7.13
C THR A 123 16.79 -0.46 6.38
N PHE A 124 16.92 -0.42 5.06
CA PHE A 124 16.64 -1.57 4.23
C PHE A 124 17.67 -1.63 3.10
N ASN A 125 17.70 -2.74 2.38
CA ASN A 125 18.72 -2.97 1.36
C ASN A 125 18.17 -2.97 -0.07
N LEU A 126 18.95 -2.40 -0.99
CA LEU A 126 18.60 -2.32 -2.39
C LEU A 126 19.50 -3.27 -3.16
N TYR A 127 18.88 -4.22 -3.86
CA TYR A 127 19.57 -5.20 -4.67
C TYR A 127 19.17 -5.07 -6.13
N TYR A 128 19.95 -5.70 -6.99
CA TYR A 128 19.59 -5.84 -8.39
C TYR A 128 20.13 -7.17 -8.94
N ALA A 129 19.59 -7.56 -10.09
CA ALA A 129 20.04 -8.74 -10.82
C ALA A 129 19.80 -8.53 -12.30
N GLU A 130 20.77 -8.92 -13.11
CA GLU A 130 20.67 -8.84 -14.55
C GLU A 130 20.23 -10.18 -15.09
N SER A 131 19.52 -10.16 -16.22
CA SER A 131 18.94 -11.36 -16.76
C SER A 131 18.76 -11.20 -18.25
N ASP A 132 18.85 -12.32 -18.97
CA ASP A 132 18.48 -12.33 -20.37
C ASP A 132 16.98 -12.57 -20.56
N LEU A 133 16.38 -13.35 -19.66
CA LEU A 133 14.94 -13.55 -19.69
C LEU A 133 14.24 -13.28 -18.37
N ASP A 134 12.94 -13.05 -18.48
CA ASP A 134 12.06 -12.87 -17.34
C ASP A 134 11.85 -14.23 -16.66
N TYR A 135 12.20 -14.34 -15.38
CA TYR A 135 11.99 -15.60 -14.67
C TYR A 135 10.59 -15.73 -14.06
N GLY A 136 9.75 -14.72 -14.25
CA GLY A 136 8.37 -14.75 -13.80
C GLY A 136 8.30 -14.92 -12.30
N THR A 137 7.55 -15.93 -11.85
CA THR A 137 7.32 -16.21 -10.43
C THR A 137 8.52 -16.78 -9.65
N ASN A 138 9.58 -17.18 -10.39
CA ASN A 138 10.85 -17.64 -9.79
C ASN A 138 11.61 -16.52 -9.09
N PHE A 139 11.91 -16.74 -7.82
CA PHE A 139 12.74 -15.78 -7.17
C PHE A 139 13.81 -16.45 -6.36
N GLN A 140 15.05 -16.29 -6.79
CA GLN A 140 16.17 -16.78 -5.99
C GLN A 140 17.08 -15.61 -5.56
N LYS A 141 17.05 -15.33 -4.26
CA LYS A 141 17.76 -14.19 -3.67
C LYS A 141 19.25 -14.16 -4.01
N ARG A 142 19.89 -15.34 -4.00
CA ARG A 142 21.34 -15.38 -4.18
C ARG A 142 21.80 -15.02 -5.61
N LEU A 143 20.85 -14.87 -6.53
CA LEU A 143 21.16 -14.28 -7.84
C LEU A 143 21.30 -12.75 -7.79
N PHE A 144 20.93 -12.14 -6.66
CA PHE A 144 20.94 -10.68 -6.51
C PHE A 144 22.22 -10.11 -5.89
N THR A 145 22.66 -8.95 -6.39
CA THR A 145 23.84 -8.30 -5.85
C THR A 145 23.40 -7.04 -5.13
N LYS A 146 23.98 -6.81 -3.96
CA LYS A 146 23.62 -5.65 -3.15
C LYS A 146 24.20 -4.38 -3.77
N ILE A 147 23.35 -3.37 -3.93
CA ILE A 147 23.79 -2.06 -4.42
C ILE A 147 24.24 -1.19 -3.24
N ASP A 148 23.37 -1.05 -2.24
CA ASP A 148 23.68 -0.27 -1.06
C ASP A 148 22.64 -0.46 0.02
N THR A 149 23.00 -0.09 1.25
CA THR A 149 22.06 0.07 2.35
C THR A 149 21.38 1.41 2.15
N ILE A 150 20.06 1.45 2.32
CA ILE A 150 19.28 2.68 2.20
C ILE A 150 18.90 3.16 3.60
N ALA A 151 19.29 4.37 3.95
CA ALA A 151 19.01 4.95 5.26
C ALA A 151 18.24 6.29 5.18
N PRO A 152 17.29 6.52 6.10
CA PRO A 152 16.53 7.77 6.06
C PRO A 152 17.29 8.96 6.64
N ASP A 153 17.27 10.09 5.92
CA ASP A 153 17.72 11.38 6.50
C ASP A 153 16.73 11.78 7.60
N GLU A 154 15.44 11.61 7.33
CA GLU A 154 14.39 12.01 8.26
C GLU A 154 13.63 10.81 8.77
N ILE A 155 13.68 10.61 10.09
CA ILE A 155 12.99 9.53 10.77
C ILE A 155 11.60 10.01 11.18
N THR A 156 10.60 9.14 11.01
CA THR A 156 9.24 9.46 11.41
C THR A 156 9.06 9.14 12.91
N VAL A 157 8.78 10.16 13.70
CA VAL A 157 8.65 10.03 15.17
C VAL A 157 7.19 9.96 15.60
N SER A 158 6.93 9.51 16.82
CA SER A 158 5.55 9.24 17.22
C SER A 158 4.64 10.47 17.14
N SER A 159 5.19 11.65 17.43
CA SER A 159 4.46 12.93 17.27
C SER A 159 4.03 13.23 15.83
N ASP A 160 4.74 12.67 14.85
CA ASP A 160 4.40 12.85 13.43
C ASP A 160 3.06 12.22 13.07
N PHE A 161 2.55 11.35 13.94
CA PHE A 161 1.27 10.67 13.71
C PHE A 161 0.04 11.55 13.98
N GLU A 162 -0.05 12.14 15.16
CA GLU A 162 -1.18 13.02 15.45
C GLU A 162 -1.10 14.35 14.66
N ALA A 163 0.09 14.68 14.15
CA ALA A 163 0.27 15.88 13.32
C ALA A 163 0.07 15.60 11.82
N ARG A 164 -0.15 14.33 11.48
CA ARG A 164 -0.29 13.87 10.08
C ARG A 164 0.80 14.45 9.17
N HIS A 165 2.04 14.27 9.60
CA HIS A 165 3.17 14.87 8.94
C HIS A 165 3.99 13.75 8.26
N VAL A 166 4.05 13.80 6.93
CA VAL A 166 4.76 12.79 6.15
C VAL A 166 6.18 13.26 5.84
N LYS A 167 7.17 12.55 6.38
CA LYS A 167 8.56 12.90 6.14
C LYS A 167 9.11 11.97 5.06
N LEU A 168 9.11 12.46 3.83
CA LEU A 168 9.41 11.60 2.68
C LEU A 168 10.86 11.71 2.24
N ASN A 169 11.63 10.67 2.54
CA ASN A 169 13.03 10.61 2.15
C ASN A 169 13.17 10.34 0.66
N VAL A 170 14.21 10.91 0.07
CA VAL A 170 14.56 10.69 -1.34
C VAL A 170 16.00 10.19 -1.35
N GLU A 171 16.24 9.05 -2.01
CA GLU A 171 17.58 8.48 -2.14
C GLU A 171 17.78 8.03 -3.56
N GLU A 172 18.95 8.32 -4.12
CA GLU A 172 19.27 7.86 -5.46
C GLU A 172 20.56 7.05 -5.48
N ARG A 173 20.57 5.99 -6.27
CA ARG A 173 21.78 5.22 -6.55
C ARG A 173 21.87 4.95 -8.05
N SER A 174 23.06 4.59 -8.53
CA SER A 174 23.22 4.16 -9.91
C SER A 174 24.02 2.87 -10.02
N VAL A 175 23.66 2.03 -10.98
CA VAL A 175 24.47 0.85 -11.28
C VAL A 175 24.89 0.79 -12.77
N GLY A 176 26.11 0.33 -13.03
CA GLY A 176 26.61 0.24 -14.40
C GLY A 176 28.00 -0.35 -14.48
N PRO A 177 28.40 -0.83 -15.67
CA PRO A 177 27.60 -0.86 -16.89
C PRO A 177 26.76 -2.13 -17.04
N LEU A 178 25.46 -1.96 -17.31
CA LEU A 178 24.56 -3.08 -17.56
C LEU A 178 24.84 -3.72 -18.92
N THR A 179 24.75 -5.03 -18.97
CA THR A 179 25.23 -5.78 -20.12
C THR A 179 24.21 -6.78 -20.70
N ARG A 180 23.30 -7.25 -19.86
CA ARG A 180 22.35 -8.28 -20.29
C ARG A 180 21.04 -7.64 -20.79
N LYS A 181 20.16 -8.44 -21.39
CA LYS A 181 18.94 -7.93 -22.05
C LYS A 181 17.99 -7.20 -21.11
N GLY A 182 18.01 -7.57 -19.83
CA GLY A 182 17.15 -6.95 -18.83
C GLY A 182 17.66 -7.06 -17.41
N PHE A 183 16.90 -6.50 -16.48
CA PHE A 183 17.27 -6.51 -15.08
C PHE A 183 16.06 -6.38 -14.14
N TYR A 184 16.23 -6.82 -12.89
CA TYR A 184 15.26 -6.61 -11.81
C TYR A 184 15.89 -5.76 -10.74
N LEU A 185 15.06 -5.03 -10.01
CA LEU A 185 15.49 -4.52 -8.72
C LEU A 185 14.76 -5.29 -7.63
N ALA A 186 15.40 -5.40 -6.48
CA ALA A 186 14.75 -5.99 -5.31
C ALA A 186 15.08 -5.20 -4.06
N PHE A 187 14.15 -5.21 -3.13
CA PHE A 187 14.29 -4.53 -1.86
C PHE A 187 14.18 -5.55 -0.75
N GLN A 188 15.18 -5.57 0.12
CA GLN A 188 15.20 -6.50 1.22
C GLN A 188 14.94 -5.76 2.50
N ASP A 189 13.90 -6.17 3.22
CA ASP A 189 13.67 -5.67 4.56
C ASP A 189 14.26 -6.64 5.59
N ILE A 190 14.96 -6.09 6.59
CA ILE A 190 15.58 -6.92 7.64
C ILE A 190 14.95 -6.76 9.03
N GLY A 191 13.84 -6.04 9.11
CA GLY A 191 13.17 -5.83 10.39
C GLY A 191 12.97 -4.36 10.69
N ALA A 192 12.62 -3.61 9.65
CA ALA A 192 12.42 -2.18 9.73
C ALA A 192 10.94 -1.87 9.45
N CYS A 193 10.53 -0.65 9.78
CA CYS A 193 9.17 -0.21 9.54
C CYS A 193 9.20 0.84 8.43
N VAL A 194 9.03 0.37 7.19
CA VAL A 194 9.25 1.16 5.96
C VAL A 194 8.03 1.20 5.05
N ALA A 195 7.80 2.35 4.42
CA ALA A 195 6.80 2.49 3.37
C ALA A 195 7.49 3.07 2.14
N LEU A 196 7.48 2.32 1.04
CA LEU A 196 8.09 2.71 -0.24
C LEU A 196 7.02 3.32 -1.13
N LEU A 197 7.12 4.63 -1.39
CA LEU A 197 6.04 5.33 -2.12
C LEU A 197 6.37 5.50 -3.58
N SER A 198 7.63 5.34 -3.93
CA SER A 198 8.09 5.72 -5.27
C SER A 198 9.35 4.96 -5.64
N VAL A 199 9.38 4.44 -6.86
CA VAL A 199 10.58 3.82 -7.41
C VAL A 199 10.66 4.23 -8.85
N ARG A 200 11.72 4.92 -9.19
CA ARG A 200 11.87 5.50 -10.50
C ARG A 200 13.24 5.14 -11.05
N VAL A 201 13.27 4.42 -12.16
CA VAL A 201 14.53 4.02 -12.79
C VAL A 201 14.65 4.69 -14.15
N TYR A 202 15.79 5.30 -14.41
CA TYR A 202 16.00 5.98 -15.68
C TYR A 202 17.45 5.97 -16.13
N TYR A 203 17.67 6.17 -17.43
CA TYR A 203 19.02 6.40 -17.93
C TYR A 203 19.10 7.77 -18.60
N LYS A 204 20.32 8.26 -18.83
CA LYS A 204 20.53 9.56 -19.47
C LYS A 204 21.08 9.37 -20.88
N LYS A 205 20.33 9.84 -21.89
CA LYS A 205 20.73 9.67 -23.31
C LYS A 205 21.73 10.74 -23.77
N CYS A 206 22.67 10.32 -24.63
CA CYS A 206 23.80 11.13 -25.16
C CYS A 206 25.14 10.68 -24.58
N ALA B 29 -9.87 -17.54 3.96
CA ALA B 29 -9.21 -18.06 5.20
C ALA B 29 -8.50 -16.94 5.96
N ASP B 30 -8.33 -15.80 5.29
CA ASP B 30 -7.46 -14.74 5.77
C ASP B 30 -7.99 -13.34 5.47
N ARG B 31 -8.75 -13.23 4.38
CA ARG B 31 -9.33 -11.95 3.95
C ARG B 31 -10.86 -11.97 3.88
N HIS B 32 -11.46 -10.84 4.23
CA HIS B 32 -12.91 -10.70 4.28
C HIS B 32 -13.39 -9.74 3.18
N THR B 33 -14.43 -10.15 2.47
CA THR B 33 -14.92 -9.39 1.33
C THR B 33 -16.22 -8.68 1.67
N VAL B 34 -16.26 -7.38 1.40
CA VAL B 34 -17.48 -6.60 1.57
C VAL B 34 -17.85 -5.95 0.24
N PHE B 35 -19.04 -6.26 -0.23
CA PHE B 35 -19.55 -5.60 -1.44
C PHE B 35 -20.24 -4.31 -1.05
N TRP B 36 -19.54 -3.19 -1.27
CA TRP B 36 -20.09 -1.89 -0.90
C TRP B 36 -21.03 -1.37 -1.96
N ASN B 37 -22.29 -1.79 -1.92
CA ASN B 37 -23.31 -1.20 -2.79
C ASN B 37 -24.70 -1.29 -2.16
N SER B 38 -25.61 -0.42 -2.60
CA SER B 38 -26.90 -0.29 -1.91
C SER B 38 -27.88 -1.45 -2.13
N SER B 39 -27.51 -2.41 -3.00
CA SER B 39 -28.28 -3.64 -3.17
C SER B 39 -27.83 -4.74 -2.25
N ASN B 40 -26.71 -4.53 -1.55
CA ASN B 40 -26.20 -5.55 -0.64
C ASN B 40 -27.08 -5.59 0.60
N PRO B 41 -27.88 -6.67 0.76
CA PRO B 41 -28.84 -6.77 1.85
C PRO B 41 -28.23 -6.61 3.24
N LYS B 42 -26.95 -6.92 3.39
CA LYS B 42 -26.30 -6.89 4.69
C LYS B 42 -26.26 -5.50 5.33
N PHE B 43 -26.36 -4.46 4.50
CA PHE B 43 -26.41 -3.08 4.94
C PHE B 43 -27.77 -2.66 5.46
N ARG B 44 -28.79 -3.48 5.17
CA ARG B 44 -30.17 -3.12 5.48
C ARG B 44 -30.43 -2.95 6.97
N ASN B 45 -29.77 -3.74 7.81
CA ASN B 45 -30.02 -3.62 9.24
C ASN B 45 -29.22 -2.50 9.90
N GLU B 46 -28.20 -1.99 9.20
CA GLU B 46 -27.29 -0.94 9.70
C GLU B 46 -26.54 -1.38 10.96
N ASP B 47 -26.57 -2.69 11.19
CA ASP B 47 -25.82 -3.35 12.25
C ASP B 47 -24.68 -4.19 11.65
N TYR B 48 -24.54 -4.11 10.32
CA TYR B 48 -23.51 -4.86 9.60
C TYR B 48 -22.15 -4.79 10.28
N THR B 49 -21.74 -5.90 10.86
CA THR B 49 -20.42 -5.99 11.48
C THR B 49 -19.68 -7.30 11.14
N ILE B 50 -18.40 -7.18 10.78
CA ILE B 50 -17.57 -8.35 10.50
C ILE B 50 -16.45 -8.46 11.55
N HIS B 51 -16.08 -9.69 11.88
CA HIS B 51 -15.08 -9.95 12.89
C HIS B 51 -13.78 -10.47 12.27
N VAL B 52 -12.69 -9.81 12.63
CA VAL B 52 -11.38 -10.12 12.06
C VAL B 52 -10.34 -10.36 13.16
N GLN B 53 -9.22 -10.97 12.80
CA GLN B 53 -8.06 -11.02 13.68
C GLN B 53 -7.02 -10.04 13.19
N LEU B 54 -6.05 -9.72 14.05
CA LEU B 54 -4.93 -8.89 13.61
C LEU B 54 -4.31 -9.48 12.36
N ASN B 55 -4.03 -8.61 11.40
CA ASN B 55 -3.35 -8.98 10.15
C ASN B 55 -4.26 -9.64 9.11
N ASP B 56 -5.55 -9.72 9.42
CA ASP B 56 -6.56 -10.10 8.43
C ASP B 56 -6.73 -8.90 7.50
N TYR B 57 -7.20 -9.17 6.29
CA TYR B 57 -7.50 -8.11 5.33
C TYR B 57 -9.00 -7.98 5.17
N VAL B 58 -9.47 -6.76 4.99
CA VAL B 58 -10.83 -6.52 4.54
C VAL B 58 -10.76 -5.89 3.16
N ASP B 59 -11.42 -6.55 2.20
CA ASP B 59 -11.48 -6.07 0.83
C ASP B 59 -12.84 -5.46 0.60
N ILE B 60 -12.90 -4.13 0.54
CA ILE B 60 -14.14 -3.46 0.25
C ILE B 60 -14.18 -3.32 -1.26
N ILE B 61 -15.28 -3.79 -1.84
CA ILE B 61 -15.37 -3.88 -3.30
C ILE B 61 -16.41 -2.88 -3.83
N CYS B 62 -15.92 -1.93 -4.62
CA CYS B 62 -16.75 -0.84 -5.12
C CYS B 62 -17.78 -1.35 -6.14
N PRO B 63 -18.89 -0.61 -6.29
CA PRO B 63 -19.85 -0.95 -7.33
C PRO B 63 -19.13 -1.03 -8.68
N HIS B 64 -19.45 -2.04 -9.48
CA HIS B 64 -18.76 -2.24 -10.76
C HIS B 64 -19.71 -2.81 -11.84
N TYR B 65 -19.55 -2.36 -13.08
CA TYR B 65 -20.49 -2.65 -14.17
C TYR B 65 -19.79 -2.93 -15.51
N GLU B 66 -20.24 -3.94 -16.25
CA GLU B 66 -19.85 -4.07 -17.67
C GLU B 66 -21.02 -4.39 -18.60
N SER B 69 -24.62 -3.16 -19.44
CA SER B 69 -24.59 -1.70 -19.47
C SER B 69 -25.88 -1.05 -18.96
N VAL B 70 -25.75 -0.36 -17.82
CA VAL B 70 -26.73 0.62 -17.38
C VAL B 70 -26.15 2.00 -17.70
N ALA B 71 -26.97 3.06 -17.62
CA ALA B 71 -26.51 4.42 -17.93
C ALA B 71 -25.48 4.89 -16.91
N ASP B 72 -24.62 5.82 -17.32
CA ASP B 72 -23.51 6.26 -16.49
C ASP B 72 -24.00 6.81 -15.16
N ALA B 73 -25.04 7.64 -15.23
CA ALA B 73 -25.69 8.27 -14.07
C ALA B 73 -26.29 7.28 -13.07
N ALA B 74 -26.58 6.05 -13.53
CA ALA B 74 -27.18 5.03 -12.68
C ALA B 74 -26.13 4.20 -11.93
N MET B 75 -24.87 4.32 -12.33
CA MET B 75 -23.79 3.58 -11.70
C MET B 75 -23.46 4.20 -10.34
N GLU B 76 -23.43 3.36 -9.31
CA GLU B 76 -23.21 3.81 -7.95
C GLU B 76 -21.76 4.23 -7.74
N GLN B 77 -21.59 5.38 -7.07
CA GLN B 77 -20.28 5.94 -6.73
C GLN B 77 -20.24 6.44 -5.29
N TYR B 78 -19.13 6.20 -4.59
CA TYR B 78 -19.05 6.51 -3.17
C TYR B 78 -17.69 7.06 -2.79
N ILE B 79 -17.69 7.87 -1.73
CA ILE B 79 -16.48 8.14 -0.98
C ILE B 79 -16.57 7.27 0.27
N LEU B 80 -15.53 6.46 0.53
CA LEU B 80 -15.45 5.69 1.77
C LEU B 80 -14.66 6.49 2.77
N TYR B 81 -15.16 6.53 4.00
CA TYR B 81 -14.49 7.18 5.10
C TYR B 81 -14.18 6.16 6.19
N LEU B 82 -13.07 6.35 6.88
CA LEU B 82 -12.76 5.56 8.06
C LEU B 82 -12.84 6.51 9.25
N VAL B 83 -13.78 6.23 10.15
CA VAL B 83 -14.22 7.20 11.15
C VAL B 83 -14.35 6.59 12.55
N GLU B 84 -14.37 7.46 13.55
CA GLU B 84 -14.64 7.08 14.94
C GLU B 84 -16.12 6.77 15.20
N HIS B 85 -16.41 6.11 16.33
CA HIS B 85 -17.76 5.66 16.66
C HIS B 85 -18.84 6.73 16.47
N GLU B 86 -18.60 7.94 16.96
CA GLU B 86 -19.59 9.00 16.86
C GLU B 86 -19.98 9.38 15.42
N GLU B 87 -19.01 9.39 14.50
CA GLU B 87 -19.31 9.72 13.12
C GLU B 87 -20.08 8.58 12.47
N TYR B 88 -19.79 7.36 12.94
CA TYR B 88 -20.52 6.14 12.56
C TYR B 88 -21.97 6.19 13.01
N GLN B 89 -22.20 6.61 14.26
CA GLN B 89 -23.57 6.81 14.76
C GLN B 89 -24.35 7.80 13.89
N LEU B 90 -23.74 8.96 13.61
CA LEU B 90 -24.39 9.97 12.81
C LEU B 90 -24.42 9.61 11.34
N CYS B 91 -23.61 8.62 10.96
CA CYS B 91 -23.40 8.27 9.54
C CYS B 91 -22.95 9.48 8.73
N GLN B 92 -22.01 10.24 9.30
CA GLN B 92 -21.51 11.46 8.68
C GLN B 92 -20.05 11.68 8.99
N PRO B 93 -19.24 12.03 7.97
CA PRO B 93 -17.82 12.25 8.18
C PRO B 93 -17.60 13.54 8.93
N GLN B 94 -16.49 13.62 9.65
CA GLN B 94 -16.15 14.82 10.40
C GLN B 94 -15.26 15.73 9.55
N SER B 95 -14.31 15.13 8.82
CA SER B 95 -13.40 15.92 7.99
C SER B 95 -12.76 15.15 6.84
N LYS B 96 -12.22 15.92 5.91
CA LYS B 96 -11.41 15.45 4.80
C LYS B 96 -10.37 14.39 5.20
N ASP B 97 -9.74 14.56 6.36
CA ASP B 97 -8.73 13.61 6.84
C ASP B 97 -9.24 12.17 6.95
N GLN B 98 -10.54 12.01 7.07
CA GLN B 98 -11.12 10.69 7.22
C GLN B 98 -11.42 9.96 5.91
N VAL B 99 -11.30 10.67 4.78
CA VAL B 99 -11.42 10.03 3.47
C VAL B 99 -10.47 8.83 3.35
N ARG B 100 -11.02 7.65 3.11
CA ARG B 100 -10.24 6.42 3.03
C ARG B 100 -9.93 6.00 1.59
N TRP B 101 -10.91 6.19 0.72
CA TRP B 101 -10.81 5.78 -0.68
C TRP B 101 -12.02 6.27 -1.45
N GLN B 102 -11.95 6.23 -2.78
CA GLN B 102 -13.09 6.64 -3.58
C GLN B 102 -13.53 5.57 -4.56
N CYS B 103 -14.83 5.26 -4.54
CA CYS B 103 -15.41 4.39 -5.55
C CYS B 103 -15.92 5.27 -6.66
N ASN B 104 -14.98 5.83 -7.41
CA ASN B 104 -15.32 6.72 -8.50
C ASN B 104 -14.88 6.18 -9.84
N ARG B 105 -14.79 4.85 -9.93
CA ARG B 105 -14.49 4.19 -11.20
C ARG B 105 -15.42 2.99 -11.40
N PRO B 106 -16.71 3.27 -11.61
CA PRO B 106 -17.71 2.22 -11.66
C PRO B 106 -17.59 1.30 -12.86
N SER B 107 -16.86 1.71 -13.90
CA SER B 107 -16.80 0.85 -15.10
C SER B 107 -15.40 0.62 -15.65
N ALA B 108 -14.42 0.78 -14.78
CA ALA B 108 -13.03 0.44 -15.05
C ALA B 108 -12.92 -0.93 -15.74
N LYS B 109 -12.16 -0.99 -16.82
CA LYS B 109 -11.97 -2.23 -17.56
C LYS B 109 -11.18 -3.29 -16.78
N HIS B 110 -10.28 -2.84 -15.91
N HIS B 110 -10.27 -2.83 -15.91
CA HIS B 110 -9.37 -3.74 -15.17
CA HIS B 110 -9.38 -3.73 -15.15
C HIS B 110 -10.03 -4.53 -14.02
C HIS B 110 -10.08 -4.64 -14.14
N GLY B 111 -11.32 -4.29 -13.80
CA GLY B 111 -12.07 -4.98 -12.73
C GLY B 111 -12.65 -3.95 -11.77
N PRO B 112 -13.27 -4.40 -10.67
CA PRO B 112 -13.87 -3.42 -9.74
C PRO B 112 -12.76 -2.70 -8.98
N GLU B 113 -13.02 -1.45 -8.63
CA GLU B 113 -12.13 -0.70 -7.77
C GLU B 113 -12.26 -1.28 -6.37
N LYS B 114 -11.15 -1.32 -5.64
CA LYS B 114 -11.07 -2.12 -4.42
C LYS B 114 -10.20 -1.44 -3.34
N LEU B 115 -10.75 -1.28 -2.15
CA LEU B 115 -9.98 -0.86 -0.98
C LEU B 115 -9.58 -2.10 -0.16
N SER B 116 -8.28 -2.43 -0.15
CA SER B 116 -7.75 -3.53 0.68
C SER B 116 -7.08 -3.00 1.94
N GLU B 117 -7.77 -3.14 3.07
CA GLU B 117 -7.30 -2.66 4.35
C GLU B 117 -6.68 -3.82 5.12
N LYS B 118 -5.40 -3.74 5.46
CA LYS B 118 -4.81 -4.74 6.35
C LYS B 118 -4.89 -4.26 7.78
N PHE B 119 -5.43 -5.10 8.66
CA PHE B 119 -5.57 -4.73 10.05
C PHE B 119 -4.29 -4.93 10.86
N GLN B 120 -3.26 -4.17 10.48
CA GLN B 120 -1.95 -4.15 11.13
C GLN B 120 -2.06 -3.48 12.49
N ARG B 121 -1.15 -3.83 13.40
CA ARG B 121 -1.01 -3.07 14.64
C ARG B 121 -0.16 -1.81 14.44
N PHE B 122 0.79 -1.87 13.51
CA PHE B 122 1.70 -0.73 13.29
C PHE B 122 1.85 -0.37 11.83
N THR B 123 1.83 0.94 11.52
CA THR B 123 2.15 1.47 10.18
C THR B 123 3.44 2.25 10.22
N PRO B 124 4.20 2.19 9.11
CA PRO B 124 5.20 3.21 8.86
C PRO B 124 4.57 4.50 8.28
N PHE B 125 3.35 4.41 7.76
CA PHE B 125 2.75 5.56 7.06
C PHE B 125 1.85 6.38 7.96
N THR B 126 2.22 7.65 8.10
CA THR B 126 1.70 8.51 9.13
C THR B 126 0.23 8.95 8.92
N LEU B 127 -0.26 8.75 7.70
CA LEU B 127 -1.64 9.07 7.33
C LEU B 127 -2.56 7.85 7.42
N GLY B 128 -2.00 6.68 7.70
CA GLY B 128 -2.75 5.44 7.81
C GLY B 128 -3.17 5.17 9.24
N LYS B 129 -3.99 4.14 9.44
CA LYS B 129 -4.54 3.82 10.76
C LYS B 129 -3.89 2.56 11.35
N GLU B 130 -3.83 2.51 12.67
CA GLU B 130 -3.34 1.32 13.37
C GLU B 130 -4.51 0.63 14.06
N PHE B 131 -4.48 -0.69 14.08
CA PHE B 131 -5.59 -1.47 14.56
C PHE B 131 -5.17 -2.33 15.74
N LYS B 132 -5.98 -2.36 16.78
CA LYS B 132 -5.63 -3.05 18.03
C LYS B 132 -6.65 -4.12 18.39
N GLU B 133 -6.16 -5.22 18.96
CA GLU B 133 -7.02 -6.30 19.45
C GLU B 133 -8.01 -5.81 20.49
N GLY B 134 -9.26 -6.25 20.38
CA GLY B 134 -10.32 -5.85 21.30
C GLY B 134 -11.05 -4.57 20.93
N HIS B 135 -10.59 -3.88 19.89
CA HIS B 135 -11.21 -2.64 19.46
C HIS B 135 -12.08 -2.83 18.22
N SER B 136 -12.94 -1.85 17.97
CA SER B 136 -13.80 -1.84 16.80
C SER B 136 -13.48 -0.63 15.93
N TYR B 137 -13.68 -0.77 14.62
CA TYR B 137 -13.38 0.30 13.67
C TYR B 137 -14.56 0.48 12.75
N TYR B 138 -14.70 1.64 12.16
CA TYR B 138 -15.96 1.99 11.49
C TYR B 138 -15.73 2.66 10.17
N TYR B 139 -16.43 2.14 9.15
CA TYR B 139 -16.46 2.75 7.83
C TYR B 139 -17.85 3.27 7.54
N ILE B 140 -17.89 4.44 6.89
CA ILE B 140 -19.14 4.98 6.32
C ILE B 140 -18.89 5.46 4.89
N SER B 141 -19.96 5.68 4.12
CA SER B 141 -19.79 6.27 2.81
C SER B 141 -20.76 7.43 2.57
N LYS B 142 -20.45 8.23 1.56
CA LYS B 142 -21.44 9.14 1.01
C LYS B 142 -21.50 8.93 -0.49
N PRO B 143 -22.70 9.06 -1.10
CA PRO B 143 -22.74 8.89 -2.55
C PRO B 143 -22.08 10.09 -3.24
N ILE B 144 -21.43 9.86 -4.39
CA ILE B 144 -20.91 10.98 -5.17
C ILE B 144 -22.02 11.55 -6.07
N HIS B 145 -22.64 12.62 -5.59
CA HIS B 145 -23.72 13.35 -6.30
C HIS B 145 -24.92 12.46 -6.61
N GLN B 146 -25.34 11.64 -5.65
CA GLN B 146 -26.42 10.68 -5.89
C GLN B 146 -27.31 10.54 -4.67
N HIS B 147 -28.47 9.91 -4.84
CA HIS B 147 -29.37 9.57 -3.75
C HIS B 147 -28.67 8.78 -2.64
N GLU B 148 -28.85 9.24 -1.40
CA GLU B 148 -28.52 8.45 -0.22
C GLU B 148 -29.84 7.88 0.35
N ASP B 149 -30.23 6.70 -0.11
CA ASP B 149 -31.52 6.12 0.25
C ASP B 149 -31.52 5.59 1.66
N ARG B 150 -30.33 5.26 2.13
CA ARG B 150 -30.08 4.46 3.30
C ARG B 150 -28.64 4.77 3.64
N CYS B 151 -28.34 4.77 4.93
CA CYS B 151 -26.97 4.98 5.37
C CYS B 151 -26.17 3.68 5.20
N LEU B 152 -25.01 3.78 4.56
CA LEU B 152 -24.15 2.61 4.40
C LEU B 152 -22.96 2.70 5.36
N ARG B 153 -22.88 1.78 6.32
CA ARG B 153 -21.80 1.75 7.29
C ARG B 153 -21.36 0.32 7.60
N LEU B 154 -20.18 0.18 8.21
CA LEU B 154 -19.64 -1.15 8.50
C LEU B 154 -18.88 -1.09 9.79
N LYS B 155 -19.09 -2.07 10.64
CA LYS B 155 -18.34 -2.16 11.88
C LYS B 155 -17.38 -3.32 11.72
N VAL B 156 -16.09 -3.07 11.95
CA VAL B 156 -15.10 -4.13 11.97
C VAL B 156 -14.54 -4.29 13.38
N THR B 157 -14.74 -5.47 13.97
CA THR B 157 -14.25 -5.75 15.32
C THR B 157 -13.05 -6.71 15.28
N VAL B 158 -11.95 -6.30 15.89
CA VAL B 158 -10.76 -7.16 16.00
C VAL B 158 -10.82 -8.00 17.28
N SER B 159 -10.91 -9.32 17.13
CA SER B 159 -10.98 -10.20 18.28
C SER B 159 -9.59 -10.49 18.83
N GLY B 160 -9.56 -11.13 20.00
CA GLY B 160 -8.32 -11.54 20.65
C GLY B 160 -8.27 -11.16 22.13
C1 NAG C . -23.46 -5.34 -5.11
C2 NAG C . -22.72 -5.68 -6.39
C3 NAG C . -22.99 -7.13 -6.79
C4 NAG C . -22.76 -8.11 -5.65
C5 NAG C . -23.63 -7.64 -4.49
C6 NAG C . -23.53 -8.55 -3.27
C7 NAG C . -22.46 -3.99 -8.15
C8 NAG C . -23.20 -3.06 -9.07
N2 NAG C . -23.21 -4.80 -7.44
O3 NAG C . -22.23 -7.48 -7.92
O4 NAG C . -23.19 -9.36 -6.08
O5 NAG C . -23.25 -6.33 -4.13
O6 NAG C . -24.55 -8.19 -2.34
O7 NAG C . -21.22 -3.97 -8.12
C1 NAG C . -22.19 -10.39 -6.06
C2 NAG C . -22.85 -11.75 -5.89
C3 NAG C . -21.77 -12.82 -5.75
C4 NAG C . -20.76 -12.75 -6.90
C5 NAG C . -20.32 -11.31 -7.13
C6 NAG C . -19.36 -11.15 -8.29
C7 NAG C . -25.14 -11.57 -5.00
C8 NAG C . -26.01 -11.50 -3.76
N2 NAG C . -23.83 -11.80 -4.81
O3 NAG C . -22.36 -14.09 -5.73
O4 NAG C . -19.62 -13.53 -6.58
O5 NAG C . -21.45 -10.46 -7.27
O6 NAG C . -20.03 -10.49 -9.34
O7 NAG C . -25.68 -11.39 -6.10
C1 MAN C . -19.51 -14.80 -7.28
C2 MAN C . -18.23 -15.52 -6.86
C3 MAN C . -18.09 -16.91 -7.51
C4 MAN C . -18.51 -16.92 -8.99
C5 MAN C . -19.68 -15.97 -9.35
C6 MAN C . -21.06 -16.59 -9.10
O2 MAN C . -18.16 -15.62 -5.45
O3 MAN C . -18.84 -17.90 -6.81
O4 MAN C . -17.36 -16.57 -9.75
O5 MAN C . -19.56 -14.71 -8.70
O6 MAN C . -21.09 -17.99 -9.33
#